data_6C5D
#
_entry.id   6C5D
#
_cell.length_a   37.526
_cell.length_b   43.771
_cell.length_c   85.091
_cell.angle_alpha   97.87
_cell.angle_beta   93.86
_cell.angle_gamma   97.77
#
_symmetry.space_group_name_H-M   'P 1'
#
loop_
_entity.id
_entity.type
_entity.pdbx_description
1 polymer LlaJI.R1
2 water water
#
_entity_poly.entity_id   1
_entity_poly.type   'polypeptide(L)'
_entity_poly.pdbx_seq_one_letter_code
;(MSE)KVYLRKIDNQILHNKRISIKKGILEHFFDKANNQDEVD(MSE)SGILSNYNDKVSILLATDPRLGGGIKRIISAE
VDKIKENRLDYELKIDDILLFTYISYKKYTLEIILLADTRYNVLNGLINNSKHLLVFSENETRTLEHHHHHH
;
_entity_poly.pdbx_strand_id   A,D,B,C
#
# COMPACT_ATOMS: atom_id res chain seq x y z
N LYS A 2 -12.15 15.64 1.02
CA LYS A 2 -12.28 16.87 1.66
C LYS A 2 -13.74 17.37 1.58
N VAL A 3 -14.02 18.33 2.42
CA VAL A 3 -15.30 18.93 2.61
C VAL A 3 -15.19 20.46 2.63
N TYR A 4 -16.12 21.17 2.06
CA TYR A 4 -16.15 22.59 2.10
C TYR A 4 -17.49 22.99 2.72
N LEU A 5 -17.44 23.77 3.77
CA LEU A 5 -18.61 24.21 4.51
C LEU A 5 -18.78 25.69 4.21
N ARG A 6 -19.93 26.03 3.65
CA ARG A 6 -20.26 27.39 3.24
C ARG A 6 -21.56 27.78 3.91
N LYS A 7 -21.51 28.73 4.84
CA LYS A 7 -22.71 29.20 5.51
C LYS A 7 -23.50 30.16 4.61
N ILE A 8 -24.81 29.95 4.51
CA ILE A 8 -25.66 30.89 3.81
C ILE A 8 -25.68 32.21 4.56
N ASP A 9 -25.38 33.30 3.85
CA ASP A 9 -25.40 34.64 4.42
C ASP A 9 -26.17 35.56 3.48
N ASN A 10 -26.24 36.84 3.86
CA ASN A 10 -27.09 37.78 3.15
C ASN A 10 -26.58 38.01 1.74
N GLN A 11 -25.25 37.94 1.57
CA GLN A 11 -24.67 38.07 0.24
C GLN A 11 -25.14 36.96 -0.69
N ILE A 12 -25.14 35.71 -0.22
CA ILE A 12 -25.56 34.59 -1.06
C ILE A 12 -27.02 34.77 -1.43
N LEU A 13 -27.86 35.15 -0.45
CA LEU A 13 -29.29 35.33 -0.72
C LEU A 13 -29.53 36.52 -1.63
N HIS A 14 -28.83 37.62 -1.38
CA HIS A 14 -29.03 38.81 -2.19
C HIS A 14 -28.53 38.60 -3.61
N ASN A 15 -27.29 38.13 -3.74
CA ASN A 15 -26.62 38.01 -5.03
C ASN A 15 -27.02 36.77 -5.80
N LYS A 16 -27.75 35.87 -5.15
CA LYS A 16 -28.28 34.67 -5.78
C LYS A 16 -27.18 33.85 -6.45
N ARG A 17 -26.06 33.66 -5.74
CA ARG A 17 -24.92 32.92 -6.24
C ARG A 17 -23.99 32.55 -5.08
N ILE A 18 -23.18 31.55 -5.32
CA ILE A 18 -22.14 31.09 -4.42
C ILE A 18 -20.81 31.59 -4.99
N SER A 19 -20.27 32.65 -4.43
CA SER A 19 -18.96 33.12 -4.90
C SER A 19 -17.86 32.10 -4.60
N ILE A 20 -16.77 32.20 -5.38
CA ILE A 20 -15.62 31.31 -5.27
C ILE A 20 -14.40 32.15 -4.96
N LYS A 21 -13.82 31.93 -3.79
CA LYS A 21 -12.57 32.56 -3.40
C LYS A 21 -11.37 31.75 -3.90
N LYS A 22 -10.23 32.43 -3.97
CA LYS A 22 -9.01 31.86 -4.56
C LYS A 22 -8.57 30.58 -3.84
N GLY A 23 -8.67 30.56 -2.52
CA GLY A 23 -8.20 29.40 -1.78
C GLY A 23 -9.07 28.17 -2.01
N ILE A 24 -10.41 28.38 -2.07
CA ILE A 24 -11.33 27.28 -2.33
C ILE A 24 -11.15 26.75 -3.75
N LEU A 25 -10.94 27.65 -4.70
CA LEU A 25 -10.70 27.24 -6.08
C LEU A 25 -9.48 26.33 -6.18
N GLU A 26 -8.40 26.73 -5.50
CA GLU A 26 -7.15 25.97 -5.55
C GLU A 26 -7.26 24.62 -4.82
N HIS A 27 -7.76 24.62 -3.58
CA HIS A 27 -7.60 23.45 -2.72
C HIS A 27 -8.82 22.56 -2.65
N PHE A 28 -10.00 23.06 -3.03
CA PHE A 28 -11.19 22.22 -3.08
C PHE A 28 -11.64 21.90 -4.51
N PHE A 29 -11.51 22.85 -5.45
CA PHE A 29 -11.91 22.61 -6.83
C PHE A 29 -10.70 22.40 -7.75
N ASP A 30 -9.51 22.11 -7.19
CA ASP A 30 -8.36 21.62 -7.96
C ASP A 30 -7.94 22.60 -9.07
N LYS A 31 -7.93 23.90 -8.78
CA LYS A 31 -7.40 24.89 -9.72
C LYS A 31 -8.16 24.85 -11.06
N ALA A 32 -9.45 24.59 -11.00
CA ALA A 32 -10.28 24.60 -12.18
C ALA A 32 -10.16 25.93 -12.92
N ASN A 33 -10.24 25.85 -14.24
CA ASN A 33 -10.23 27.04 -15.08
C ASN A 33 -11.65 27.45 -15.40
N ASN A 34 -11.78 28.65 -15.95
CA ASN A 34 -13.07 29.15 -16.35
C ASN A 34 -13.76 28.15 -17.28
N GLN A 35 -15.03 27.87 -16.95
CA GLN A 35 -15.98 27.00 -17.65
C GLN A 35 -15.72 25.51 -17.42
N ASP A 36 -14.75 25.14 -16.60
CA ASP A 36 -14.63 23.74 -16.22
C ASP A 36 -15.86 23.32 -15.46
N GLU A 37 -16.27 22.08 -15.66
CA GLU A 37 -17.45 21.52 -15.01
C GLU A 37 -17.09 20.33 -14.13
N VAL A 38 -17.83 20.17 -13.04
CA VAL A 38 -17.72 19.02 -12.17
C VAL A 38 -19.10 18.40 -12.09
N ASP A 39 -19.13 17.13 -11.81
CA ASP A 39 -20.39 16.46 -11.52
C ASP A 39 -20.66 16.77 -10.02
N SER A 41 -24.08 15.88 -7.02
CA SER A 41 -25.39 15.37 -6.68
C SER A 41 -25.77 15.87 -5.31
N GLY A 42 -27.03 16.06 -5.17
CA GLY A 42 -27.63 16.41 -3.90
C GLY A 42 -27.84 15.14 -3.07
N ILE A 43 -27.57 15.26 -1.77
CA ILE A 43 -27.55 14.08 -0.92
C ILE A 43 -28.95 13.52 -0.70
N LEU A 44 -29.91 14.39 -0.34
CA LEU A 44 -31.26 13.92 -0.04
C LEU A 44 -32.02 13.51 -1.29
N SER A 45 -31.76 14.18 -2.39
CA SER A 45 -32.52 14.01 -3.63
C SER A 45 -31.90 12.99 -4.58
N ASN A 46 -30.60 12.74 -4.46
CA ASN A 46 -29.80 12.03 -5.48
C ASN A 46 -29.97 12.66 -6.85
N TYR A 47 -30.25 13.96 -6.87
CA TYR A 47 -30.31 14.71 -8.13
C TYR A 47 -28.88 15.03 -8.58
N ASN A 48 -28.53 14.62 -9.78
CA ASN A 48 -27.19 14.81 -10.37
C ASN A 48 -27.25 15.88 -11.45
N ASP A 49 -26.26 16.77 -11.45
CA ASP A 49 -26.15 17.79 -12.48
C ASP A 49 -24.69 18.17 -12.64
N LYS A 50 -24.43 19.04 -13.61
CA LYS A 50 -23.10 19.62 -13.84
C LYS A 50 -23.04 21.03 -13.25
N VAL A 51 -21.96 21.30 -12.52
CA VAL A 51 -21.70 22.60 -11.92
C VAL A 51 -20.47 23.19 -12.57
N SER A 52 -20.61 24.39 -13.11
CA SER A 52 -19.53 25.09 -13.76
C SER A 52 -18.80 25.96 -12.77
N ILE A 53 -17.50 26.11 -13.01
CA ILE A 53 -16.67 27.10 -12.34
C ILE A 53 -16.52 28.29 -13.27
N LEU A 54 -17.17 29.41 -12.90
CA LEU A 54 -17.22 30.59 -13.78
C LEU A 54 -16.35 31.66 -13.15
N LEU A 55 -15.21 31.81 -13.70
CA LEU A 55 -14.28 32.82 -13.25
C LEU A 55 -14.40 34.23 -13.95
N ALA A 56 -14.90 34.34 -15.18
CA ALA A 56 -15.06 35.67 -15.85
C ALA A 56 -16.07 36.54 -15.06
N THR A 57 -15.80 37.86 -14.86
CA THR A 57 -16.72 38.91 -14.43
C THR A 57 -16.95 38.83 -12.87
N ASP A 58 -17.45 37.71 -12.36
CA ASP A 58 -17.61 37.48 -10.87
C ASP A 58 -17.40 36.00 -10.52
N PRO A 59 -16.25 35.61 -10.01
CA PRO A 59 -16.01 34.18 -9.79
C PRO A 59 -17.11 33.53 -8.97
N ARG A 60 -17.67 32.45 -9.49
CA ARG A 60 -18.86 31.87 -8.87
C ARG A 60 -19.08 30.45 -9.36
N LEU A 61 -19.87 29.69 -8.61
CA LEU A 61 -20.44 28.49 -9.16
C LEU A 61 -21.58 28.82 -10.11
N GLY A 62 -21.69 28.02 -11.17
CA GLY A 62 -22.76 28.22 -12.14
C GLY A 62 -23.30 26.91 -12.65
N GLY A 63 -24.03 26.98 -13.75
CA GLY A 63 -24.61 25.79 -14.35
C GLY A 63 -25.75 25.20 -13.54
N GLY A 64 -25.60 23.95 -13.10
CA GLY A 64 -26.67 23.28 -12.38
C GLY A 64 -26.74 23.56 -10.90
N ILE A 65 -25.96 24.52 -10.37
CA ILE A 65 -25.89 24.66 -8.91
C ILE A 65 -27.27 25.03 -8.35
N LYS A 66 -28.00 25.93 -9.03
CA LYS A 66 -29.31 26.29 -8.51
C LYS A 66 -30.28 25.11 -8.56
N ARG A 67 -30.20 24.26 -9.56
CA ARG A 67 -31.08 23.10 -9.62
C ARG A 67 -30.75 22.07 -8.53
N ILE A 68 -29.47 21.89 -8.22
CA ILE A 68 -29.11 20.98 -7.11
C ILE A 68 -29.62 21.52 -5.78
N ILE A 69 -29.39 22.80 -5.50
CA ILE A 69 -29.84 23.37 -4.23
C ILE A 69 -31.36 23.25 -4.08
N SER A 70 -32.11 23.62 -5.11
CA SER A 70 -33.55 23.54 -4.98
C SER A 70 -34.03 22.09 -4.89
N ALA A 71 -33.37 21.17 -5.57
CA ALA A 71 -33.77 19.77 -5.42
C ALA A 71 -33.60 19.32 -3.97
N GLU A 72 -32.55 19.79 -3.30
CA GLU A 72 -32.42 19.46 -1.89
C GLU A 72 -33.50 20.13 -1.07
N VAL A 73 -33.77 21.41 -1.38
CA VAL A 73 -34.85 22.15 -0.72
C VAL A 73 -36.16 21.41 -0.86
N ASP A 74 -36.44 20.89 -2.06
CA ASP A 74 -37.70 20.17 -2.29
C ASP A 74 -37.77 18.91 -1.43
N LYS A 75 -36.65 18.20 -1.27
CA LYS A 75 -36.64 17.05 -0.37
C LYS A 75 -36.91 17.48 1.07
N ILE A 76 -36.24 18.53 1.54
CA ILE A 76 -36.51 19.03 2.88
C ILE A 76 -37.97 19.43 3.03
N LYS A 77 -38.55 20.09 2.00
CA LYS A 77 -39.93 20.56 2.07
C LYS A 77 -40.92 19.40 2.23
N GLU A 78 -40.58 18.20 1.81
CA GLU A 78 -41.48 17.08 2.05
C GLU A 78 -41.85 16.93 3.52
N ASN A 79 -40.91 17.21 4.43
CA ASN A 79 -41.17 17.07 5.85
C ASN A 79 -41.29 18.39 6.59
N ARG A 80 -40.98 19.51 5.94
CA ARG A 80 -41.19 20.84 6.51
C ARG A 80 -41.63 21.73 5.37
N LEU A 81 -42.94 21.90 5.19
CA LEU A 81 -43.43 22.45 3.94
C LEU A 81 -42.99 23.90 3.75
N ASP A 82 -42.94 24.67 4.83
CA ASP A 82 -42.56 26.07 4.76
C ASP A 82 -41.05 26.30 4.71
N TYR A 83 -40.25 25.24 4.63
CA TYR A 83 -38.81 25.43 4.61
C TYR A 83 -38.39 26.22 3.38
N GLU A 84 -37.55 27.23 3.60
CA GLU A 84 -36.78 27.88 2.55
C GLU A 84 -35.32 28.01 2.96
N LEU A 85 -34.44 28.02 1.97
CA LEU A 85 -33.04 28.26 2.27
C LEU A 85 -32.92 29.60 3.01
N LYS A 86 -32.28 29.60 4.17
CA LYS A 86 -32.23 30.79 4.99
C LYS A 86 -30.82 31.05 5.52
N ILE A 87 -30.58 32.31 5.88
CA ILE A 87 -29.33 32.71 6.50
C ILE A 87 -28.99 31.75 7.63
N ASP A 88 -27.72 31.37 7.73
CA ASP A 88 -27.11 30.51 8.72
C ASP A 88 -27.34 29.03 8.43
N ASP A 89 -28.18 28.65 7.48
CA ASP A 89 -28.10 27.28 6.97
C ASP A 89 -26.68 27.04 6.44
N ILE A 90 -26.19 25.80 6.53
CA ILE A 90 -24.83 25.46 6.10
C ILE A 90 -24.86 24.58 4.85
N LEU A 91 -24.10 24.96 3.84
CA LEU A 91 -23.90 24.13 2.65
C LEU A 91 -22.71 23.24 2.89
N LEU A 92 -22.92 21.93 2.85
CA LEU A 92 -21.88 20.93 3.01
C LEU A 92 -21.58 20.30 1.65
N PHE A 93 -20.49 20.77 1.05
CA PHE A 93 -19.92 20.17 -0.16
C PHE A 93 -18.89 19.11 0.22
N THR A 94 -19.02 17.92 -0.37
CA THR A 94 -18.05 16.86 -0.19
C THR A 94 -17.40 16.55 -1.54
N TYR A 95 -16.08 16.56 -1.54
CA TYR A 95 -15.22 16.03 -2.61
C TYR A 95 -15.23 14.51 -2.52
N ILE A 96 -15.82 13.86 -3.51
CA ILE A 96 -15.82 12.40 -3.59
C ILE A 96 -14.55 11.91 -4.27
N SER A 97 -14.26 12.46 -5.44
CA SER A 97 -13.06 12.16 -6.22
C SER A 97 -12.96 13.26 -7.26
N TYR A 98 -11.96 13.17 -8.14
CA TYR A 98 -11.67 14.28 -9.05
C TYR A 98 -12.89 14.65 -9.89
N LYS A 99 -13.24 15.95 -9.86
CA LYS A 99 -14.43 16.52 -10.52
C LYS A 99 -15.74 15.83 -10.11
N LYS A 100 -15.83 15.34 -8.89
CA LYS A 100 -17.04 14.65 -8.46
C LYS A 100 -17.35 15.01 -7.03
N TYR A 101 -18.53 15.59 -6.83
CA TYR A 101 -18.93 16.20 -5.56
C TYR A 101 -20.35 15.83 -5.19
N THR A 102 -20.67 16.06 -3.92
CA THR A 102 -22.00 15.94 -3.39
C THR A 102 -22.29 17.18 -2.58
N LEU A 103 -23.57 17.48 -2.40
CA LEU A 103 -23.98 18.69 -1.69
C LEU A 103 -25.17 18.36 -0.81
N GLU A 104 -25.14 18.92 0.40
CA GLU A 104 -26.20 18.74 1.36
C GLU A 104 -26.40 20.04 2.10
N ILE A 105 -27.65 20.34 2.45
CA ILE A 105 -27.97 21.48 3.30
C ILE A 105 -28.05 21.01 4.74
N ILE A 106 -27.34 21.69 5.63
CA ILE A 106 -27.42 21.44 7.07
C ILE A 106 -28.21 22.58 7.71
N LEU A 107 -29.42 22.26 8.17
CA LEU A 107 -30.26 23.24 8.87
C LEU A 107 -29.82 23.41 10.31
N LEU A 108 -30.29 24.49 10.90
CA LEU A 108 -30.01 24.77 12.31
C LEU A 108 -30.40 23.59 13.20
N ALA A 109 -31.50 22.91 12.87
CA ALA A 109 -32.01 21.86 13.73
C ALA A 109 -31.35 20.51 13.49
N ASP A 110 -30.53 20.38 12.45
CA ASP A 110 -29.80 19.14 12.23
C ASP A 110 -28.86 18.91 13.43
N THR A 111 -28.78 17.67 13.91
CA THR A 111 -27.90 17.38 15.03
C THR A 111 -26.43 17.58 14.70
N ARG A 112 -26.07 17.62 13.42
CA ARG A 112 -24.69 17.91 13.06
C ARG A 112 -24.37 19.40 13.11
N TYR A 113 -25.38 20.28 13.17
CA TYR A 113 -25.17 21.70 12.92
C TYR A 113 -24.16 22.31 13.90
N ASN A 114 -24.36 22.13 15.20
CA ASN A 114 -23.54 22.89 16.14
C ASN A 114 -22.06 22.57 15.97
N VAL A 115 -21.72 21.29 15.79
CA VAL A 115 -20.31 20.93 15.63
C VAL A 115 -19.73 21.52 14.34
N LEU A 116 -20.47 21.46 13.23
CA LEU A 116 -19.96 22.02 11.98
C LEU A 116 -19.85 23.54 12.05
N ASN A 117 -20.85 24.20 12.62
CA ASN A 117 -20.72 25.63 12.84
C ASN A 117 -19.52 25.96 13.73
N GLY A 118 -19.22 25.10 14.69
CA GLY A 118 -18.04 25.32 15.54
C GLY A 118 -16.75 25.37 14.76
N LEU A 119 -16.61 24.49 13.75
CA LEU A 119 -15.43 24.51 12.90
C LEU A 119 -15.36 25.82 12.11
N ILE A 120 -16.48 26.26 11.54
CA ILE A 120 -16.47 27.49 10.76
C ILE A 120 -15.96 28.66 11.61
N ASN A 121 -16.32 28.69 12.90
CA ASN A 121 -16.03 29.82 13.78
C ASN A 121 -14.83 29.59 14.72
N LYS B 2 18.07 -15.49 -8.49
CA LYS B 2 16.73 -15.49 -7.98
C LYS B 2 15.72 -15.31 -9.09
N VAL B 3 14.64 -16.04 -8.98
CA VAL B 3 13.58 -16.16 -9.96
C VAL B 3 12.28 -15.94 -9.22
N TYR B 4 11.34 -15.28 -9.85
CA TYR B 4 10.00 -15.18 -9.33
C TYR B 4 9.05 -15.81 -10.35
N LEU B 5 8.27 -16.79 -9.90
CA LEU B 5 7.28 -17.47 -10.71
C LEU B 5 5.91 -16.95 -10.34
N ARG B 6 5.09 -16.65 -11.36
CA ARG B 6 3.76 -16.04 -11.18
C ARG B 6 2.75 -16.67 -12.13
N LYS B 7 1.72 -17.28 -11.57
CA LYS B 7 0.66 -17.90 -12.34
C LYS B 7 -0.25 -16.82 -12.90
N ILE B 8 -0.53 -16.89 -14.20
CA ILE B 8 -1.50 -15.97 -14.79
C ILE B 8 -2.87 -16.33 -14.22
N ASP B 9 -3.56 -15.35 -13.64
CA ASP B 9 -4.95 -15.50 -13.17
C ASP B 9 -5.81 -14.46 -13.88
N ASN B 10 -7.13 -14.44 -13.59
CA ASN B 10 -8.03 -13.53 -14.34
C ASN B 10 -7.76 -12.08 -13.98
N GLN B 11 -7.36 -11.82 -12.74
CA GLN B 11 -6.98 -10.47 -12.36
C GLN B 11 -5.86 -9.94 -13.25
N ILE B 12 -4.87 -10.78 -13.58
CA ILE B 12 -3.78 -10.33 -14.46
C ILE B 12 -4.31 -10.07 -15.87
N LEU B 13 -5.14 -10.96 -16.39
CA LEU B 13 -5.56 -10.85 -17.78
C LEU B 13 -6.45 -9.63 -17.98
N HIS B 14 -7.19 -9.29 -16.97
CA HIS B 14 -8.12 -8.21 -17.02
C HIS B 14 -7.60 -6.84 -16.61
N ASN B 15 -6.66 -6.78 -15.69
CA ASN B 15 -6.19 -5.49 -15.22
C ASN B 15 -4.96 -5.04 -15.92
N LYS B 16 -4.71 -3.77 -15.80
CA LYS B 16 -3.57 -3.19 -16.47
C LYS B 16 -2.26 -3.41 -15.76
N ARG B 17 -2.34 -3.77 -14.50
CA ARG B 17 -1.20 -3.94 -13.68
C ARG B 17 -1.24 -5.23 -12.90
N ILE B 18 -0.10 -5.89 -12.74
CA ILE B 18 0.08 -7.08 -11.99
C ILE B 18 0.44 -6.82 -10.53
N SER B 19 -0.44 -7.22 -9.64
CA SER B 19 -0.18 -7.08 -8.21
C SER B 19 0.75 -8.18 -7.73
N ILE B 20 1.62 -7.82 -6.78
CA ILE B 20 2.55 -8.73 -6.15
C ILE B 20 2.40 -8.65 -4.63
N LYS B 21 2.86 -9.68 -3.94
CA LYS B 21 2.86 -9.69 -2.48
C LYS B 21 4.05 -8.89 -1.92
N LYS B 22 3.93 -8.54 -0.63
CA LYS B 22 4.96 -7.73 0.04
C LYS B 22 6.29 -8.47 0.13
N GLY B 23 6.27 -9.79 0.25
CA GLY B 23 7.52 -10.53 0.24
C GLY B 23 8.23 -10.44 -1.09
N ILE B 24 7.47 -10.45 -2.20
CA ILE B 24 8.06 -10.27 -3.51
C ILE B 24 8.70 -8.89 -3.63
N LEU B 25 7.98 -7.85 -3.20
CA LEU B 25 8.54 -6.50 -3.26
C LEU B 25 9.85 -6.43 -2.49
N GLU B 26 9.88 -7.00 -1.27
CA GLU B 26 11.06 -6.92 -0.41
C GLU B 26 12.22 -7.77 -0.93
N HIS B 27 11.95 -9.03 -1.28
CA HIS B 27 13.03 -9.98 -1.56
C HIS B 27 13.39 -10.16 -3.02
N PHE B 28 12.52 -9.77 -3.94
CA PHE B 28 12.79 -9.86 -5.37
C PHE B 28 12.97 -8.51 -6.03
N PHE B 29 12.27 -7.47 -5.56
CA PHE B 29 12.38 -6.13 -6.14
C PHE B 29 13.09 -5.15 -5.20
N ASP B 30 13.90 -5.66 -4.28
CA ASP B 30 14.80 -4.84 -3.44
C ASP B 30 14.08 -3.70 -2.73
N LYS B 31 12.89 -3.98 -2.22
CA LYS B 31 12.14 -2.97 -1.46
C LYS B 31 12.04 -1.62 -2.17
N ALA B 32 11.79 -1.67 -3.48
CA ALA B 32 11.54 -0.45 -4.25
C ALA B 32 10.41 0.39 -3.63
N ASN B 33 10.49 1.70 -3.80
CA ASN B 33 9.44 2.61 -3.33
C ASN B 33 8.47 2.95 -4.44
N ASN B 34 7.36 3.58 -4.04
CA ASN B 34 6.36 4.00 -5.01
C ASN B 34 7.03 4.80 -6.12
N GLN B 35 6.79 4.37 -7.35
CA GLN B 35 7.21 5.05 -8.57
C GLN B 35 8.66 4.77 -8.92
N ASP B 36 9.37 3.93 -8.17
CA ASP B 36 10.63 3.41 -8.69
C ASP B 36 10.37 2.69 -9.99
N GLU B 37 11.37 2.66 -10.84
CA GLU B 37 11.28 1.89 -12.07
C GLU B 37 12.41 0.88 -12.10
N VAL B 38 12.17 -0.23 -12.80
CA VAL B 38 13.23 -1.20 -13.09
C VAL B 38 13.25 -1.49 -14.59
N ASP B 39 14.39 -1.89 -15.05
CA ASP B 39 14.50 -2.30 -16.44
C ASP B 39 14.08 -3.80 -16.49
N SER B 41 13.36 -7.06 -19.75
CA SER B 41 13.29 -7.46 -21.14
C SER B 41 12.72 -8.83 -21.32
N GLY B 42 11.94 -8.95 -22.31
CA GLY B 42 11.42 -10.26 -22.67
C GLY B 42 12.50 -11.15 -23.24
N ILE B 43 12.49 -12.41 -22.79
CA ILE B 43 13.52 -13.36 -23.21
C ILE B 43 13.46 -13.60 -24.72
N LEU B 44 12.27 -13.88 -25.27
CA LEU B 44 12.22 -14.27 -26.68
C LEU B 44 12.35 -13.06 -27.61
N SER B 45 11.82 -11.92 -27.21
CA SER B 45 11.68 -10.79 -28.10
C SER B 45 12.82 -9.77 -27.94
N ASN B 46 13.58 -9.86 -26.86
CA ASN B 46 14.55 -8.85 -26.46
C ASN B 46 13.93 -7.45 -26.32
N TYR B 47 12.60 -7.39 -26.21
CA TYR B 47 11.93 -6.12 -26.01
C TYR B 47 12.21 -5.63 -24.59
N ASN B 48 12.77 -4.44 -24.47
CA ASN B 48 13.15 -3.88 -23.19
C ASN B 48 12.30 -2.67 -22.85
N ASP B 49 11.88 -2.56 -21.58
CA ASP B 49 10.97 -1.49 -21.19
C ASP B 49 11.01 -1.32 -19.68
N LYS B 50 10.53 -0.17 -19.22
CA LYS B 50 10.56 0.20 -17.81
C LYS B 50 9.27 -0.25 -17.15
N VAL B 51 9.43 -0.96 -16.05
CA VAL B 51 8.33 -1.46 -15.25
C VAL B 51 8.31 -0.67 -13.96
N SER B 52 7.15 -0.18 -13.60
CA SER B 52 6.99 0.63 -12.41
C SER B 52 6.43 -0.21 -11.27
N ILE B 53 6.88 0.12 -10.07
CA ILE B 53 6.33 -0.40 -8.83
C ILE B 53 5.34 0.63 -8.31
N LEU B 54 4.10 0.23 -8.08
CA LEU B 54 3.07 1.14 -7.60
C LEU B 54 2.59 0.61 -6.26
N LEU B 55 2.68 1.44 -5.21
CA LEU B 55 2.42 0.98 -3.85
C LEU B 55 1.05 1.36 -3.30
N ALA B 56 0.41 2.41 -3.83
CA ALA B 56 -0.93 2.75 -3.38
C ALA B 56 -1.86 1.54 -3.48
N THR B 57 -2.96 1.56 -2.75
CA THR B 57 -3.85 0.40 -2.68
C THR B 57 -3.05 -0.82 -2.22
N ASP B 58 -2.21 -1.36 -3.10
CA ASP B 58 -1.35 -2.49 -2.79
C ASP B 58 -0.24 -2.55 -3.82
N PRO B 59 0.85 -3.26 -3.53
CA PRO B 59 1.99 -3.28 -4.47
C PRO B 59 1.63 -3.89 -5.82
N ARG B 60 1.95 -3.15 -6.88
CA ARG B 60 1.60 -3.50 -8.25
C ARG B 60 2.78 -3.17 -9.17
N LEU B 61 2.89 -3.96 -10.23
CA LEU B 61 3.82 -3.67 -11.32
C LEU B 61 3.06 -2.97 -12.43
N GLY B 62 3.51 -1.78 -12.79
CA GLY B 62 2.89 -1.02 -13.87
C GLY B 62 3.83 -0.71 -15.02
N GLY B 63 3.60 0.42 -15.69
CA GLY B 63 4.43 0.82 -16.80
C GLY B 63 4.32 -0.15 -17.95
N GLY B 64 5.48 -0.53 -18.50
CA GLY B 64 5.58 -1.40 -19.66
C GLY B 64 5.42 -2.88 -19.43
N ILE B 65 4.98 -3.31 -18.25
CA ILE B 65 4.93 -4.75 -17.98
C ILE B 65 4.02 -5.46 -18.98
N LYS B 66 2.83 -4.90 -19.29
CA LYS B 66 1.95 -5.60 -20.24
C LYS B 66 2.48 -5.54 -21.68
N ARG B 67 3.30 -4.56 -22.01
CA ARG B 67 3.91 -4.51 -23.34
C ARG B 67 5.06 -5.50 -23.47
N ILE B 68 5.85 -5.71 -22.42
CA ILE B 68 6.83 -6.79 -22.44
C ILE B 68 6.11 -8.11 -22.63
N ILE B 69 5.05 -8.33 -21.85
CA ILE B 69 4.32 -9.59 -21.96
C ILE B 69 3.75 -9.78 -23.36
N SER B 70 3.20 -8.72 -23.97
CA SER B 70 2.62 -8.92 -25.30
C SER B 70 3.70 -9.08 -26.35
N ALA B 71 4.86 -8.43 -26.16
CA ALA B 71 6.00 -8.71 -27.03
C ALA B 71 6.38 -10.18 -26.98
N GLU B 72 6.30 -10.81 -25.80
CA GLU B 72 6.57 -12.23 -25.72
C GLU B 72 5.46 -13.04 -26.37
N VAL B 73 4.20 -12.65 -26.16
CA VAL B 73 3.07 -13.35 -26.79
C VAL B 73 3.18 -13.26 -28.31
N ASP B 74 3.48 -12.07 -28.83
CA ASP B 74 3.64 -11.90 -30.28
C ASP B 74 4.74 -12.81 -30.83
N LYS B 75 5.83 -13.03 -30.09
CA LYS B 75 6.85 -14.00 -30.52
C LYS B 75 6.30 -15.41 -30.48
N ILE B 76 5.46 -15.70 -29.49
CA ILE B 76 4.90 -17.05 -29.40
C ILE B 76 3.91 -17.27 -30.51
N LYS B 77 3.24 -16.20 -30.96
CA LYS B 77 2.21 -16.31 -31.99
C LYS B 77 2.80 -16.61 -33.36
N GLU B 78 4.03 -16.17 -33.61
CA GLU B 78 4.73 -16.56 -34.83
C GLU B 78 4.61 -18.08 -35.00
N ASN B 79 5.25 -18.85 -34.11
CA ASN B 79 5.04 -20.29 -34.04
C ASN B 79 3.54 -20.61 -33.98
N ARG B 80 2.83 -20.07 -32.99
CA ARG B 80 1.48 -20.55 -32.61
C ARG B 80 0.49 -19.39 -32.73
N LEU B 81 -0.09 -19.23 -33.93
CA LEU B 81 -0.69 -17.95 -34.34
C LEU B 81 -2.01 -17.65 -33.64
N ASP B 82 -2.71 -18.64 -33.11
CA ASP B 82 -3.95 -18.37 -32.39
C ASP B 82 -3.72 -17.86 -30.98
N TYR B 83 -2.53 -18.09 -30.43
CA TYR B 83 -2.35 -18.11 -28.99
C TYR B 83 -2.60 -16.74 -28.36
N GLU B 84 -3.28 -16.75 -27.23
CA GLU B 84 -3.43 -15.59 -26.37
C GLU B 84 -2.93 -16.01 -24.99
N LEU B 85 -2.38 -15.06 -24.24
CA LEU B 85 -2.07 -15.32 -22.84
C LEU B 85 -3.33 -15.83 -22.17
N LYS B 86 -3.21 -16.94 -21.41
CA LYS B 86 -4.37 -17.54 -20.76
C LYS B 86 -4.06 -18.00 -19.34
N ILE B 87 -5.13 -18.22 -18.58
CA ILE B 87 -5.02 -18.70 -17.21
C ILE B 87 -4.09 -19.91 -17.12
N ASP B 88 -3.29 -19.93 -16.06
CA ASP B 88 -2.40 -21.02 -15.63
C ASP B 88 -1.10 -21.10 -16.45
N ASP B 89 -0.92 -20.23 -17.44
CA ASP B 89 0.45 -20.03 -17.90
C ASP B 89 1.25 -19.33 -16.80
N ILE B 90 2.56 -19.47 -16.86
CA ILE B 90 3.45 -19.07 -15.79
C ILE B 90 4.39 -17.99 -16.29
N LEU B 91 4.46 -16.89 -15.57
CA LEU B 91 5.46 -15.87 -15.86
C LEU B 91 6.70 -16.19 -15.06
N LEU B 92 7.84 -16.30 -15.74
CA LEU B 92 9.16 -16.55 -15.16
C LEU B 92 9.98 -15.25 -15.23
N PHE B 93 10.07 -14.54 -14.10
CA PHE B 93 10.94 -13.38 -13.95
C PHE B 93 12.30 -13.83 -13.40
N THR B 94 13.39 -13.33 -14.01
CA THR B 94 14.76 -13.55 -13.52
C THR B 94 15.40 -12.22 -13.11
N TYR B 95 15.93 -12.19 -11.89
CA TYR B 95 16.78 -11.09 -11.42
C TYR B 95 18.14 -11.16 -12.12
N ILE B 96 18.45 -10.15 -12.91
CA ILE B 96 19.76 -10.09 -13.56
C ILE B 96 20.73 -9.26 -12.74
N SER B 97 20.36 -8.04 -12.41
CA SER B 97 21.13 -7.20 -11.50
C SER B 97 20.18 -6.19 -10.90
N TYR B 98 20.74 -5.28 -10.10
CA TYR B 98 19.91 -4.32 -9.39
C TYR B 98 19.03 -3.56 -10.39
N LYS B 99 17.72 -3.57 -10.14
CA LYS B 99 16.76 -2.94 -11.05
C LYS B 99 16.91 -3.44 -12.50
N LYS B 100 17.25 -4.71 -12.69
CA LYS B 100 17.39 -5.30 -14.02
C LYS B 100 16.85 -6.72 -14.01
N TYR B 101 15.83 -7.00 -14.84
CA TYR B 101 15.15 -8.29 -14.85
C TYR B 101 14.94 -8.77 -16.27
N THR B 102 14.67 -10.07 -16.40
CA THR B 102 14.14 -10.63 -17.64
C THR B 102 12.80 -11.29 -17.34
N LEU B 103 12.00 -11.48 -18.40
CA LEU B 103 10.69 -12.07 -18.28
C LEU B 103 10.48 -13.04 -19.41
N GLU B 104 9.90 -14.20 -19.09
CA GLU B 104 9.63 -15.25 -20.04
C GLU B 104 8.31 -15.88 -19.66
N ILE B 105 7.58 -16.34 -20.65
CA ILE B 105 6.30 -17.01 -20.45
C ILE B 105 6.48 -18.51 -20.60
N ILE B 106 6.01 -19.25 -19.62
CA ILE B 106 6.11 -20.70 -19.61
C ILE B 106 4.74 -21.24 -19.94
N LEU B 107 4.58 -21.76 -21.15
CA LEU B 107 3.28 -22.28 -21.56
C LEU B 107 3.07 -23.69 -21.01
N LEU B 108 1.79 -24.05 -20.85
CA LEU B 108 1.45 -25.41 -20.45
C LEU B 108 2.21 -26.45 -21.28
N ALA B 109 2.44 -26.15 -22.55
CA ALA B 109 3.11 -27.08 -23.45
C ALA B 109 4.62 -27.14 -23.25
N ASP B 110 5.20 -26.14 -22.58
CA ASP B 110 6.64 -26.11 -22.35
C ASP B 110 7.05 -27.34 -21.56
N THR B 111 8.23 -27.89 -21.89
CA THR B 111 8.81 -29.02 -21.17
C THR B 111 9.13 -28.68 -19.72
N ARG B 112 9.30 -27.39 -19.41
CA ARG B 112 9.57 -26.95 -18.05
C ARG B 112 8.31 -26.80 -17.23
N TYR B 113 7.12 -26.82 -17.85
CA TYR B 113 5.92 -26.36 -17.18
C TYR B 113 5.55 -27.23 -15.98
N ASN B 114 5.52 -28.56 -16.15
CA ASN B 114 5.04 -29.41 -15.05
C ASN B 114 5.89 -29.28 -13.79
N VAL B 115 7.20 -29.17 -13.94
CA VAL B 115 8.03 -29.08 -12.75
C VAL B 115 7.89 -27.70 -12.10
N LEU B 116 7.91 -26.63 -12.91
CA LEU B 116 7.72 -25.32 -12.30
C LEU B 116 6.34 -25.21 -11.66
N ASN B 117 5.31 -25.68 -12.37
CA ASN B 117 3.99 -25.72 -11.75
C ASN B 117 4.02 -26.54 -10.46
N GLY B 118 4.74 -27.66 -10.46
CA GLY B 118 4.90 -28.46 -9.25
C GLY B 118 5.45 -27.66 -8.08
N LEU B 119 6.48 -26.85 -8.33
CA LEU B 119 7.04 -26.01 -7.28
C LEU B 119 6.03 -25.00 -6.76
N ILE B 120 5.25 -24.37 -7.62
CA ILE B 120 4.27 -23.46 -7.13
C ILE B 120 3.24 -24.34 -6.43
N ASN B 121 3.21 -24.23 -5.10
CA ASN B 121 2.34 -25.02 -4.24
C ASN B 121 1.16 -24.22 -3.74
N ASN B 122 1.35 -22.90 -3.67
CA ASN B 122 0.29 -21.98 -3.27
C ASN B 122 -0.49 -21.45 -4.49
N SER B 123 -0.21 -22.02 -5.66
CA SER B 123 -0.84 -21.67 -6.92
C SER B 123 -0.81 -20.17 -7.19
N LYS B 124 0.20 -19.46 -6.70
CA LYS B 124 0.18 -18.07 -7.02
C LYS B 124 1.49 -17.44 -7.23
N HIS B 125 2.22 -17.37 -6.14
CA HIS B 125 3.49 -16.65 -6.07
C HIS B 125 4.59 -17.59 -5.58
N LEU B 126 5.76 -17.52 -6.20
CA LEU B 126 6.86 -18.31 -5.68
C LEU B 126 8.22 -17.69 -6.03
N LEU B 127 9.00 -17.38 -5.00
CA LEU B 127 10.41 -17.05 -5.15
C LEU B 127 11.29 -18.31 -5.17
N VAL B 128 12.24 -18.34 -6.09
CA VAL B 128 13.21 -19.42 -6.17
C VAL B 128 14.62 -18.82 -6.08
N PHE B 129 15.37 -19.20 -5.05
CA PHE B 129 16.78 -18.82 -4.92
C PHE B 129 17.66 -20.02 -5.27
N SER B 130 18.76 -19.78 -5.97
CA SER B 130 19.53 -20.91 -6.47
C SER B 130 21.02 -20.70 -6.33
N GLU B 131 21.76 -21.80 -6.21
CA GLU B 131 23.21 -21.76 -6.31
C GLU B 131 23.97 -23.12 -6.25
N LYS C 2 -8.81 26.38 7.55
CA LYS C 2 -8.74 25.00 7.12
C LYS C 2 -8.30 24.13 8.30
N VAL C 3 -8.87 22.91 8.34
CA VAL C 3 -8.65 21.94 9.43
C VAL C 3 -8.30 20.60 8.78
N TYR C 4 -7.49 19.83 9.46
CA TYR C 4 -7.11 18.51 9.00
C TYR C 4 -7.46 17.54 10.10
N LEU C 5 -8.25 16.55 9.76
CA LEU C 5 -8.65 15.55 10.68
C LEU C 5 -7.93 14.22 10.39
N ARG C 6 -7.35 13.62 11.42
CA ARG C 6 -6.63 12.37 11.31
C ARG C 6 -6.98 11.40 12.43
N LYS C 7 -7.43 10.23 12.08
CA LYS C 7 -7.79 9.22 13.04
C LYS C 7 -6.56 8.48 13.47
N ILE C 8 -6.45 8.22 14.74
CA ILE C 8 -5.35 7.50 15.28
C ILE C 8 -5.45 6.02 14.93
N ASP C 9 -4.33 5.48 14.53
CA ASP C 9 -4.18 4.07 14.24
C ASP C 9 -2.89 3.52 14.88
N ASN C 10 -2.70 2.22 14.84
CA ASN C 10 -1.55 1.61 15.52
C ASN C 10 -0.22 2.14 15.00
N GLN C 11 -0.16 2.51 13.73
CA GLN C 11 1.07 3.07 13.15
C GLN C 11 1.44 4.38 13.83
N ILE C 12 0.46 5.24 14.06
CA ILE C 12 0.73 6.47 14.82
C ILE C 12 1.14 6.13 16.24
N LEU C 13 0.42 5.20 16.87
CA LEU C 13 0.67 4.93 18.27
C LEU C 13 2.05 4.35 18.48
N HIS C 14 2.57 3.66 17.46
CA HIS C 14 3.84 2.96 17.50
C HIS C 14 5.00 3.81 16.97
N ASN C 15 4.84 4.46 15.81
CA ASN C 15 5.95 5.11 15.12
C ASN C 15 6.24 6.47 15.75
N LYS C 16 7.43 6.99 15.47
CA LYS C 16 7.81 8.29 16.02
C LYS C 16 7.32 9.45 15.15
N ARG C 17 6.72 9.14 14.01
CA ARG C 17 6.35 10.15 13.04
C ARG C 17 5.07 9.70 12.35
N ILE C 18 4.18 10.67 12.10
CA ILE C 18 2.86 10.43 11.50
C ILE C 18 2.95 10.60 9.99
N SER C 19 2.46 9.63 9.25
CA SER C 19 2.43 9.75 7.80
C SER C 19 1.24 10.61 7.35
N ILE C 20 1.43 11.35 6.28
CA ILE C 20 0.36 12.14 5.69
C ILE C 20 0.36 11.90 4.20
N LYS C 21 -0.80 12.04 3.57
CA LYS C 21 -0.86 11.82 2.15
C LYS C 21 -0.41 13.08 1.42
N LYS C 22 -0.15 12.92 0.12
CA LYS C 22 0.39 14.05 -0.65
C LYS C 22 -0.59 15.20 -0.74
N GLY C 23 -1.88 14.89 -0.93
CA GLY C 23 -2.89 15.93 -0.91
C GLY C 23 -2.79 16.81 0.32
N ILE C 24 -2.51 16.20 1.47
CA ILE C 24 -2.43 16.97 2.71
C ILE C 24 -1.19 17.85 2.69
N LEU C 25 -0.08 17.30 2.20
CA LEU C 25 1.16 18.08 2.15
C LEU C 25 0.94 19.35 1.32
N GLU C 26 0.27 19.22 0.19
CA GLU C 26 0.05 20.36 -0.68
C GLU C 26 -1.05 21.29 -0.14
N HIS C 27 -2.18 20.73 0.25
CA HIS C 27 -3.36 21.56 0.49
C HIS C 27 -3.46 22.08 1.91
N PHE C 28 -2.69 21.52 2.85
CA PHE C 28 -2.74 21.90 4.25
C PHE C 28 -1.40 22.39 4.79
N PHE C 29 -0.28 21.78 4.40
CA PHE C 29 1.05 22.20 4.83
C PHE C 29 1.80 23.01 3.77
N ASP C 30 1.10 23.48 2.72
CA ASP C 30 1.64 24.49 1.81
C ASP C 30 2.82 23.99 0.98
N LYS C 31 2.71 22.80 0.44
CA LYS C 31 3.71 22.25 -0.41
C LYS C 31 5.10 22.21 0.16
N ALA C 32 5.22 22.08 1.47
CA ALA C 32 6.52 22.07 2.14
C ALA C 32 7.60 21.17 1.57
N ASN C 33 8.84 21.59 1.73
CA ASN C 33 9.95 20.77 1.25
C ASN C 33 10.56 19.96 2.35
N ASN C 34 11.32 18.92 1.99
CA ASN C 34 11.97 18.09 2.98
C ASN C 34 12.79 18.84 3.94
N GLN C 35 12.57 18.51 5.17
CA GLN C 35 13.22 19.07 6.33
C GLN C 35 12.71 20.47 6.71
N ASP C 36 11.65 20.90 6.04
CA ASP C 36 11.03 22.15 6.41
C ASP C 36 10.43 22.01 7.80
N GLU C 37 10.16 23.12 8.44
CA GLU C 37 9.55 23.08 9.74
C GLU C 37 8.41 24.06 9.86
N VAL C 38 7.44 23.72 10.69
CA VAL C 38 6.33 24.59 11.04
C VAL C 38 6.15 24.60 12.51
N ASP C 39 5.57 25.66 13.02
CA ASP C 39 5.29 25.77 14.42
C ASP C 39 3.95 25.16 14.70
N SER C 41 1.21 24.15 18.06
CA SER C 41 0.94 24.14 19.45
C SER C 41 -0.31 23.40 19.85
N GLY C 42 -0.27 22.78 21.00
CA GLY C 42 -1.41 22.09 21.51
C GLY C 42 -2.42 22.97 22.22
N ILE C 43 -3.66 22.80 21.88
CA ILE C 43 -4.72 23.56 22.44
C ILE C 43 -4.91 23.50 23.93
N LEU C 44 -4.96 22.34 24.53
CA LEU C 44 -5.18 22.26 25.97
C LEU C 44 -3.94 22.68 26.77
N SER C 45 -2.75 22.44 26.21
CA SER C 45 -1.48 22.53 26.94
C SER C 45 -0.69 23.79 26.61
N ASN C 46 -1.02 24.48 25.51
CA ASN C 46 -0.19 25.54 24.93
C ASN C 46 1.28 25.14 24.77
N TYR C 47 1.55 23.84 24.78
CA TYR C 47 2.89 23.35 24.47
C TYR C 47 3.17 23.62 23.01
N ASN C 48 4.22 24.39 22.74
CA ASN C 48 4.60 24.78 21.40
C ASN C 48 5.93 24.15 21.03
N ASP C 49 6.00 23.59 19.83
CA ASP C 49 7.22 22.98 19.37
C ASP C 49 7.27 23.05 17.86
N LYS C 50 8.40 22.66 17.35
CA LYS C 50 8.66 22.70 15.94
C LYS C 50 8.37 21.30 15.38
N VAL C 51 7.58 21.15 14.30
CA VAL C 51 7.21 19.86 13.66
C VAL C 51 7.83 19.86 12.25
N SER C 52 8.47 18.76 11.79
CA SER C 52 9.29 18.69 10.57
C SER C 52 8.49 17.94 9.48
N ILE C 53 8.68 18.25 8.18
CA ILE C 53 8.06 17.55 7.05
C ILE C 53 9.19 16.70 6.50
N LEU C 54 8.98 15.42 6.47
CA LEU C 54 9.98 14.45 6.03
C LEU C 54 9.45 13.76 4.79
N LEU C 55 10.13 13.96 3.66
CA LEU C 55 9.60 13.54 2.37
C LEU C 55 10.31 12.31 1.79
N ALA C 56 11.31 11.77 2.48
CA ALA C 56 11.84 10.47 2.10
C ALA C 56 10.74 9.42 2.22
N THR C 57 10.86 8.36 1.42
CA THR C 57 9.86 7.30 1.38
C THR C 57 8.49 7.90 1.05
N ASP C 58 7.86 8.54 2.03
CA ASP C 58 6.57 9.19 1.84
C ASP C 58 6.47 10.32 2.85
N PRO C 59 5.49 11.20 2.70
CA PRO C 59 5.45 12.43 3.52
C PRO C 59 5.11 12.10 4.98
N ARG C 60 5.91 12.65 5.90
CA ARG C 60 5.73 12.37 7.32
C ARG C 60 5.97 13.62 8.14
N LEU C 61 5.25 13.68 9.25
CA LEU C 61 5.48 14.67 10.26
C LEU C 61 6.46 14.11 11.27
N GLY C 62 7.44 14.92 11.65
CA GLY C 62 8.35 14.51 12.69
C GLY C 62 8.64 15.65 13.61
N GLY C 63 9.89 15.72 14.09
CA GLY C 63 10.21 16.74 15.05
C GLY C 63 9.38 16.53 16.29
N GLY C 64 8.81 17.64 16.77
CA GLY C 64 8.04 17.69 18.00
C GLY C 64 6.62 17.17 17.94
N ILE C 65 6.24 16.48 16.86
CA ILE C 65 4.82 16.14 16.70
C ILE C 65 4.35 15.28 17.87
N LYS C 66 5.15 14.28 18.30
CA LYS C 66 4.71 13.39 19.39
C LYS C 66 4.80 14.06 20.77
N ARG C 67 5.75 14.96 20.98
CA ARG C 67 5.79 15.73 22.22
C ARG C 67 4.56 16.62 22.39
N ILE C 68 4.10 17.25 21.29
CA ILE C 68 2.85 18.03 21.35
C ILE C 68 1.69 17.11 21.71
N ILE C 69 1.56 16.00 20.98
CA ILE C 69 0.49 15.06 21.29
C ILE C 69 0.59 14.60 22.73
N SER C 70 1.79 14.20 23.19
CA SER C 70 1.91 13.72 24.55
C SER C 70 1.52 14.80 25.56
N ALA C 71 1.87 16.06 25.29
CA ALA C 71 1.47 17.15 26.19
C ALA C 71 -0.05 17.29 26.25
N GLU C 72 -0.73 17.09 25.11
CA GLU C 72 -2.19 17.16 25.15
C GLU C 72 -2.75 16.00 25.93
N VAL C 73 -2.18 14.80 25.73
CA VAL C 73 -2.63 13.64 26.50
C VAL C 73 -2.44 13.90 27.99
N ASP C 74 -1.33 14.53 28.36
CA ASP C 74 -1.09 14.86 29.77
C ASP C 74 -2.19 15.75 30.35
N LYS C 75 -2.68 16.75 29.58
CA LYS C 75 -3.77 17.60 30.06
C LYS C 75 -5.06 16.80 30.21
N ILE C 76 -5.36 15.93 29.26
CA ILE C 76 -6.60 15.16 29.34
C ILE C 76 -6.57 14.23 30.56
N LYS C 77 -5.41 13.64 30.85
CA LYS C 77 -5.27 12.76 32.01
C LYS C 77 -5.59 13.46 33.33
N GLU C 78 -5.35 14.78 33.43
CA GLU C 78 -5.73 15.54 34.61
C GLU C 78 -7.21 15.40 34.92
N ASN C 79 -8.06 15.28 33.89
CA ASN C 79 -9.49 15.13 34.07
C ASN C 79 -9.97 13.72 33.82
N ARG C 80 -9.30 13.01 32.93
CA ARG C 80 -9.63 11.63 32.57
C ARG C 80 -8.47 10.76 33.06
N LEU C 81 -8.51 10.41 34.35
CA LEU C 81 -7.33 9.83 35.00
C LEU C 81 -6.77 8.66 34.19
N ASP C 82 -7.64 7.80 33.65
CA ASP C 82 -7.26 6.55 33.02
C ASP C 82 -7.13 6.65 31.49
N TYR C 83 -6.72 7.81 30.97
CA TYR C 83 -6.74 8.02 29.52
C TYR C 83 -5.37 7.79 28.91
N GLU C 84 -5.35 7.00 27.84
CA GLU C 84 -4.19 6.87 26.98
C GLU C 84 -4.67 7.13 25.56
N LEU C 85 -3.83 7.77 24.75
CA LEU C 85 -4.15 7.93 23.34
C LEU C 85 -4.45 6.56 22.76
N LYS C 86 -5.56 6.44 22.03
CA LYS C 86 -5.98 5.13 21.54
C LYS C 86 -6.53 5.21 20.13
N ILE C 87 -6.63 4.02 19.51
CA ILE C 87 -7.14 3.87 18.16
C ILE C 87 -8.49 4.56 18.05
N ASP C 88 -8.70 5.27 16.94
CA ASP C 88 -9.95 5.90 16.54
C ASP C 88 -10.18 7.21 17.28
N ASP C 89 -9.34 7.61 18.23
CA ASP C 89 -9.37 9.00 18.59
C ASP C 89 -8.98 9.81 17.34
N ILE C 90 -9.42 11.06 17.29
CA ILE C 90 -9.19 11.93 16.14
C ILE C 90 -8.24 13.05 16.53
N LEU C 91 -7.24 13.29 15.70
CA LEU C 91 -6.40 14.48 15.80
C LEU C 91 -6.97 15.57 14.91
N LEU C 92 -7.16 16.75 15.49
CA LEU C 92 -7.69 17.91 14.78
C LEU C 92 -6.58 18.97 14.65
N PHE C 93 -6.04 19.11 13.45
CA PHE C 93 -5.06 20.16 13.16
C PHE C 93 -5.79 21.37 12.57
N THR C 94 -5.50 22.56 13.09
CA THR C 94 -6.05 23.80 12.55
C THR C 94 -4.92 24.64 11.99
N TYR C 95 -5.07 25.05 10.73
CA TYR C 95 -4.19 26.02 10.12
C TYR C 95 -4.46 27.40 10.71
N ILE C 96 -3.43 28.01 11.28
CA ILE C 96 -3.58 29.31 11.91
C ILE C 96 -3.07 30.35 10.90
N SER C 97 -1.79 30.27 10.59
CA SER C 97 -1.20 31.11 9.56
C SER C 97 -0.12 30.29 8.89
N TYR C 98 0.55 30.89 7.91
CA TYR C 98 1.58 30.19 7.17
C TYR C 98 2.62 29.61 8.16
N LYS C 99 2.82 28.29 8.08
CA LYS C 99 3.74 27.53 8.93
C LYS C 99 3.42 27.65 10.42
N LYS C 100 2.16 27.94 10.77
CA LYS C 100 1.71 27.98 12.16
C LYS C 100 0.44 27.15 12.29
N TYR C 101 0.39 26.24 13.27
CA TYR C 101 -0.73 25.30 13.39
C TYR C 101 -1.06 25.05 14.84
N THR C 102 -2.26 24.52 15.06
CA THR C 102 -2.66 24.04 16.39
C THR C 102 -3.10 22.59 16.27
N LEU C 103 -3.08 21.91 17.41
CA LEU C 103 -3.37 20.49 17.45
C LEU C 103 -4.19 20.18 18.69
N GLU C 104 -5.24 19.38 18.50
CA GLU C 104 -6.16 19.01 19.55
C GLU C 104 -6.52 17.56 19.33
N ILE C 105 -6.75 16.85 20.42
CA ILE C 105 -7.17 15.45 20.40
C ILE C 105 -8.67 15.41 20.67
N ILE C 106 -9.44 14.80 19.76
CA ILE C 106 -10.87 14.58 19.92
C ILE C 106 -11.09 13.15 20.39
N LEU C 107 -11.47 13.01 21.66
CA LEU C 107 -11.72 11.70 22.25
C LEU C 107 -13.06 11.17 21.80
N LEU C 108 -13.17 9.84 21.84
CA LEU C 108 -14.44 9.16 21.64
C LEU C 108 -15.54 9.84 22.44
N ALA C 109 -15.21 10.24 23.68
CA ALA C 109 -16.18 10.83 24.58
C ALA C 109 -16.48 12.30 24.28
N ASP C 110 -15.67 12.95 23.47
CA ASP C 110 -15.91 14.36 23.14
C ASP C 110 -17.24 14.51 22.41
N THR C 111 -17.94 15.62 22.69
CA THR C 111 -19.24 15.90 22.10
C THR C 111 -19.14 16.17 20.60
N ARG C 112 -17.95 16.50 20.10
CA ARG C 112 -17.71 16.74 18.70
C ARG C 112 -17.41 15.48 17.92
N TYR C 113 -17.17 14.37 18.62
CA TYR C 113 -16.60 13.18 18.01
C TYR C 113 -17.53 12.57 16.96
N ASN C 114 -18.80 12.36 17.30
CA ASN C 114 -19.72 11.65 16.40
C ASN C 114 -19.87 12.39 15.06
N VAL C 115 -20.00 13.70 15.09
CA VAL C 115 -20.14 14.46 13.86
C VAL C 115 -18.83 14.46 13.08
N LEU C 116 -17.72 14.71 13.78
CA LEU C 116 -16.42 14.69 13.10
C LEU C 116 -16.12 13.29 12.57
N ASN C 117 -16.42 12.27 13.36
CA ASN C 117 -16.22 10.91 12.87
C ASN C 117 -17.14 10.64 11.70
N GLY C 118 -18.40 11.06 11.82
CA GLY C 118 -19.32 11.08 10.70
C GLY C 118 -18.73 11.64 9.41
N LEU C 119 -18.07 12.81 9.47
CA LEU C 119 -17.45 13.37 8.26
C LEU C 119 -16.29 12.53 7.76
N ILE C 120 -15.44 12.04 8.66
CA ILE C 120 -14.28 11.30 8.21
C ILE C 120 -14.72 10.05 7.46
N ASN C 121 -15.86 9.47 7.87
CA ASN C 121 -16.50 8.36 7.15
C ASN C 121 -15.48 7.23 7.08
N ASN C 122 -15.01 6.82 5.90
CA ASN C 122 -14.10 5.68 5.84
C ASN C 122 -12.64 6.06 5.90
N SER C 123 -12.26 7.20 5.34
CA SER C 123 -10.84 7.51 5.27
C SER C 123 -10.25 7.63 6.68
N LYS C 124 -8.94 7.79 6.72
CA LYS C 124 -8.23 8.18 7.91
C LYS C 124 -7.86 9.65 7.89
N HIS C 125 -8.01 10.31 6.73
CA HIS C 125 -7.64 11.69 6.47
C HIS C 125 -8.85 12.46 5.96
N LEU C 126 -9.01 13.70 6.42
CA LEU C 126 -9.98 14.61 5.83
C LEU C 126 -9.53 16.05 6.00
N LEU C 127 -9.59 16.82 4.92
CA LEU C 127 -9.49 18.26 5.01
C LEU C 127 -10.89 18.88 5.04
N VAL C 128 -11.07 19.81 5.92
CA VAL C 128 -12.30 20.57 5.99
C VAL C 128 -11.96 22.06 5.70
N PHE C 129 -12.51 22.70 4.66
CA PHE C 129 -12.33 24.12 4.29
C PHE C 129 -13.63 24.92 4.66
N SER C 130 -13.53 26.20 5.05
CA SER C 130 -14.64 27.17 5.23
C SER C 130 -14.19 28.63 4.85
N GLU C 131 -15.12 29.60 4.80
CA GLU C 131 -14.93 31.01 4.43
C GLU C 131 -14.85 31.26 2.93
N LYS D 2 8.75 -19.72 -0.62
CA LYS D 2 9.97 -19.59 -1.39
C LYS D 2 10.75 -20.89 -1.23
N VAL D 3 11.61 -21.13 -2.20
CA VAL D 3 12.38 -22.35 -2.34
C VAL D 3 13.84 -21.96 -2.51
N TYR D 4 14.72 -22.73 -1.90
CA TYR D 4 16.15 -22.52 -2.04
C TYR D 4 16.72 -23.82 -2.60
N LEU D 5 17.30 -23.76 -3.79
CA LEU D 5 17.95 -24.88 -4.45
C LEU D 5 19.45 -24.74 -4.30
N ARG D 6 20.08 -25.79 -3.77
CA ARG D 6 21.50 -25.83 -3.47
C ARG D 6 22.03 -27.11 -4.05
N LYS D 7 22.80 -27.00 -5.12
CA LYS D 7 23.39 -28.16 -5.74
C LYS D 7 24.57 -28.62 -4.89
N ILE D 8 24.65 -29.91 -4.61
CA ILE D 8 25.78 -30.47 -3.88
C ILE D 8 27.02 -30.36 -4.76
N ASP D 9 28.08 -29.76 -4.20
CA ASP D 9 29.34 -29.59 -4.90
C ASP D 9 30.49 -30.13 -4.04
N ASN D 10 31.71 -29.98 -4.56
CA ASN D 10 32.86 -30.57 -3.87
C ASN D 10 33.06 -29.90 -2.51
N GLN D 11 32.83 -28.59 -2.44
CA GLN D 11 32.99 -27.85 -1.19
C GLN D 11 32.01 -28.35 -0.13
N ILE D 12 30.77 -28.66 -0.51
CA ILE D 12 29.89 -29.21 0.52
C ILE D 12 30.39 -30.58 0.98
N LEU D 13 30.93 -31.36 0.04
CA LEU D 13 31.42 -32.72 0.41
C LEU D 13 32.82 -32.60 1.14
N HIS D 14 33.77 -31.82 0.58
CA HIS D 14 35.10 -31.70 1.27
C HIS D 14 34.84 -31.06 2.70
N ASN D 15 34.12 -29.97 2.69
CA ASN D 15 33.86 -29.20 3.93
C ASN D 15 32.84 -29.79 4.97
N LYS D 16 32.10 -30.84 4.61
CA LYS D 16 31.10 -31.44 5.44
C LYS D 16 30.13 -30.41 6.04
N ARG D 17 29.62 -29.46 5.24
CA ARG D 17 28.71 -28.41 5.76
C ARG D 17 27.98 -27.57 4.64
N ILE D 18 26.89 -26.84 4.92
CA ILE D 18 26.17 -26.00 3.97
C ILE D 18 26.49 -24.58 4.34
N SER D 19 27.38 -23.97 3.60
CA SER D 19 27.70 -22.55 3.83
C SER D 19 26.46 -21.65 3.58
N ILE D 20 26.39 -20.56 4.28
CA ILE D 20 25.33 -19.57 4.12
C ILE D 20 25.96 -18.28 3.62
N LYS D 21 25.51 -17.82 2.45
CA LYS D 21 25.89 -16.51 1.95
C LYS D 21 24.87 -15.46 2.38
N LYS D 22 25.31 -14.20 2.27
CA LYS D 22 24.56 -13.07 2.82
C LYS D 22 23.19 -12.95 2.19
N GLY D 23 23.09 -13.22 0.89
CA GLY D 23 21.81 -13.08 0.19
C GLY D 23 20.79 -14.12 0.62
N ILE D 24 21.25 -15.38 0.82
CA ILE D 24 20.35 -16.43 1.30
C ILE D 24 19.95 -16.15 2.74
N LEU D 25 20.89 -15.65 3.53
CA LEU D 25 20.60 -15.31 4.91
C LEU D 25 19.50 -14.26 4.99
N GLU D 26 19.62 -13.21 4.17
CA GLU D 26 18.62 -12.14 4.20
C GLU D 26 17.28 -12.57 3.62
N HIS D 27 17.28 -13.16 2.43
CA HIS D 27 16.03 -13.33 1.70
C HIS D 27 15.39 -14.71 1.85
N PHE D 28 16.11 -15.69 2.42
CA PHE D 28 15.52 -16.99 2.68
C PHE D 28 15.45 -17.34 4.15
N PHE D 29 16.35 -16.82 4.98
CA PHE D 29 16.34 -17.14 6.40
C PHE D 29 16.02 -15.91 7.25
N ASP D 30 15.33 -14.93 6.67
CA ASP D 30 14.68 -13.86 7.44
C ASP D 30 15.67 -13.09 8.31
N LYS D 31 16.88 -12.86 7.77
CA LYS D 31 17.95 -12.10 8.46
C LYS D 31 18.24 -12.66 9.85
N ALA D 32 18.22 -13.99 9.98
CA ALA D 32 18.52 -14.64 11.25
C ALA D 32 19.88 -14.20 11.81
N ASN D 33 19.96 -14.13 13.13
CA ASN D 33 21.21 -13.85 13.84
C ASN D 33 21.88 -15.15 14.27
N ASN D 34 23.16 -15.02 14.62
CA ASN D 34 23.93 -16.15 15.10
C ASN D 34 23.21 -16.88 16.22
N GLN D 35 23.18 -18.21 16.13
CA GLN D 35 22.55 -19.17 17.03
C GLN D 35 21.03 -19.16 16.94
N ASP D 36 20.41 -18.30 16.14
CA ASP D 36 18.99 -18.48 15.83
C ASP D 36 18.75 -19.90 15.30
N GLU D 37 17.57 -20.44 15.60
CA GLU D 37 17.17 -21.78 15.19
C GLU D 37 15.87 -21.70 14.39
N VAL D 38 15.76 -22.57 13.37
CA VAL D 38 14.51 -22.75 12.64
C VAL D 38 14.11 -24.21 12.76
N ASP D 39 12.85 -24.48 12.61
CA ASP D 39 12.42 -25.86 12.54
C ASP D 39 12.58 -26.30 11.06
N SER D 41 12.10 -30.05 8.61
CA SER D 41 11.78 -31.42 8.46
C SER D 41 12.11 -32.03 7.10
N GLY D 42 12.41 -33.31 7.08
CA GLY D 42 12.71 -34.02 5.88
C GLY D 42 11.43 -34.44 5.19
N ILE D 43 11.34 -34.26 3.90
CA ILE D 43 10.16 -34.60 3.16
C ILE D 43 9.81 -36.08 3.15
N LEU D 44 10.75 -36.91 2.83
CA LEU D 44 10.54 -38.33 2.75
C LEU D 44 10.38 -39.00 4.09
N SER D 45 11.16 -38.59 5.05
CA SER D 45 11.15 -39.22 6.34
C SER D 45 10.17 -38.73 7.37
N ASN D 46 9.80 -37.46 7.25
CA ASN D 46 9.02 -36.69 8.18
C ASN D 46 9.83 -36.48 9.49
N TYR D 47 11.15 -36.51 9.42
CA TYR D 47 11.98 -36.34 10.59
C TYR D 47 12.08 -34.86 10.86
N ASN D 48 11.77 -34.42 12.04
CA ASN D 48 11.85 -33.03 12.39
C ASN D 48 13.02 -32.72 13.32
N ASP D 49 13.66 -31.61 13.15
CA ASP D 49 14.77 -31.18 14.00
C ASP D 49 14.97 -29.69 13.93
N LYS D 50 15.88 -29.16 14.70
CA LYS D 50 16.10 -27.74 14.68
C LYS D 50 17.45 -27.46 14.03
N VAL D 51 17.48 -26.46 13.16
CA VAL D 51 18.68 -26.13 12.39
C VAL D 51 19.10 -24.73 12.81
N SER D 52 20.35 -24.61 13.22
CA SER D 52 20.85 -23.34 13.71
C SER D 52 21.47 -22.56 12.56
N ILE D 53 21.45 -21.24 12.68
CA ILE D 53 22.15 -20.33 11.78
C ILE D 53 23.42 -19.89 12.50
N LEU D 54 24.59 -20.41 12.09
CA LEU D 54 25.85 -20.14 12.80
C LEU D 54 26.68 -19.20 11.93
N LEU D 55 26.80 -17.96 12.37
CA LEU D 55 27.54 -16.98 11.59
C LEU D 55 29.00 -16.85 12.02
N ALA D 56 29.34 -17.19 13.26
CA ALA D 56 30.72 -16.96 13.71
C ALA D 56 31.66 -17.94 13.04
N THR D 57 32.81 -17.41 12.59
CA THR D 57 33.98 -18.16 12.12
C THR D 57 33.82 -18.64 10.67
N ASP D 58 32.68 -19.30 10.37
CA ASP D 58 32.39 -19.74 9.02
C ASP D 58 30.89 -19.89 8.85
N PRO D 59 30.20 -18.93 8.26
CA PRO D 59 28.72 -18.95 8.28
C PRO D 59 28.17 -20.20 7.61
N ARG D 60 27.26 -20.87 8.31
CA ARG D 60 26.88 -22.22 7.94
C ARG D 60 25.58 -22.58 8.64
N LEU D 61 24.93 -23.62 8.12
CA LEU D 61 23.88 -24.30 8.84
C LEU D 61 24.48 -25.28 9.82
N GLY D 62 23.88 -25.36 11.01
CA GLY D 62 24.36 -26.20 12.09
C GLY D 62 23.21 -26.87 12.82
N GLY D 63 23.51 -27.43 14.01
CA GLY D 63 22.51 -28.08 14.82
C GLY D 63 22.07 -29.38 14.16
N GLY D 64 20.79 -29.52 13.86
CA GLY D 64 20.28 -30.78 13.35
C GLY D 64 20.36 -30.95 11.85
N ILE D 65 21.06 -30.08 11.12
CA ILE D 65 21.05 -30.17 9.66
C ILE D 65 21.57 -31.53 9.18
N LYS D 66 22.62 -32.06 9.84
CA LYS D 66 23.18 -33.35 9.43
C LYS D 66 22.22 -34.49 9.73
N ARG D 67 21.48 -34.41 10.84
CA ARG D 67 20.47 -35.41 11.14
C ARG D 67 19.30 -35.38 10.15
N ILE D 68 18.91 -34.22 9.64
CA ILE D 68 17.82 -34.20 8.66
C ILE D 68 18.28 -34.80 7.33
N ILE D 69 19.47 -34.39 6.86
CA ILE D 69 19.99 -34.94 5.61
C ILE D 69 20.12 -36.46 5.70
N SER D 70 20.75 -36.96 6.77
CA SER D 70 20.91 -38.40 6.86
C SER D 70 19.58 -39.12 7.00
N ALA D 71 18.58 -38.52 7.68
CA ALA D 71 17.28 -39.16 7.71
C ALA D 71 16.68 -39.27 6.29
N GLU D 72 16.85 -38.24 5.46
CA GLU D 72 16.37 -38.35 4.07
C GLU D 72 17.15 -39.43 3.30
N VAL D 73 18.46 -39.44 3.46
CA VAL D 73 19.31 -40.50 2.89
C VAL D 73 18.83 -41.89 3.32
N ASP D 74 18.51 -42.06 4.61
CA ASP D 74 18.03 -43.37 5.06
C ASP D 74 16.76 -43.78 4.33
N LYS D 75 15.87 -42.82 4.01
CA LYS D 75 14.64 -43.13 3.30
C LYS D 75 14.92 -43.49 1.84
N ILE D 76 15.80 -42.74 1.19
CA ILE D 76 16.25 -43.13 -0.14
C ILE D 76 16.88 -44.51 -0.12
N LYS D 77 17.69 -44.79 0.90
CA LYS D 77 18.37 -46.08 0.98
C LYS D 77 17.39 -47.23 1.02
N GLU D 78 16.21 -47.02 1.60
CA GLU D 78 15.23 -48.10 1.61
C GLU D 78 14.95 -48.66 0.21
N ASN D 79 15.22 -47.89 -0.86
CA ASN D 79 15.00 -48.34 -2.22
C ASN D 79 16.25 -48.41 -3.07
N ARG D 80 17.19 -47.50 -2.87
CA ARG D 80 18.51 -47.55 -3.48
C ARG D 80 19.50 -47.81 -2.35
N LEU D 81 19.69 -49.09 -2.02
CA LEU D 81 20.45 -49.46 -0.84
C LEU D 81 21.79 -48.74 -0.75
N ASP D 82 22.49 -48.60 -1.88
CA ASP D 82 23.82 -48.01 -1.84
C ASP D 82 23.83 -46.51 -2.17
N TYR D 83 22.68 -45.84 -2.11
CA TYR D 83 22.68 -44.39 -2.27
C TYR D 83 23.49 -43.71 -1.17
N GLU D 84 24.33 -42.76 -1.59
CA GLU D 84 24.92 -41.77 -0.73
C GLU D 84 24.73 -40.40 -1.37
N LEU D 85 24.68 -39.37 -0.54
CA LEU D 85 24.63 -38.01 -1.05
C LEU D 85 25.85 -37.74 -1.93
N LYS D 86 25.60 -37.28 -3.16
CA LYS D 86 26.64 -37.19 -4.18
C LYS D 86 26.65 -35.84 -4.86
N ILE D 87 27.79 -35.56 -5.49
CA ILE D 87 27.97 -34.37 -6.31
C ILE D 87 26.86 -34.32 -7.34
N ASP D 88 26.29 -33.12 -7.54
CA ASP D 88 25.26 -32.75 -8.51
C ASP D 88 23.85 -33.15 -8.06
N ASP D 89 23.70 -33.90 -6.97
CA ASP D 89 22.39 -33.97 -6.31
C ASP D 89 21.98 -32.55 -5.93
N ILE D 90 20.68 -32.31 -5.82
CA ILE D 90 20.17 -30.98 -5.50
C ILE D 90 19.40 -31.04 -4.18
N LEU D 91 19.77 -30.15 -3.26
CA LEU D 91 19.00 -29.94 -2.02
C LEU D 91 17.92 -28.91 -2.31
N LEU D 92 16.68 -29.26 -2.02
CA LEU D 92 15.53 -28.36 -2.20
C LEU D 92 14.96 -28.03 -0.83
N PHE D 93 15.27 -26.84 -0.36
CA PHE D 93 14.69 -26.31 0.87
C PHE D 93 13.42 -25.53 0.54
N THR D 94 12.36 -25.72 1.34
CA THR D 94 11.15 -24.94 1.19
C THR D 94 10.85 -24.20 2.48
N TYR D 95 10.65 -22.90 2.35
CA TYR D 95 10.10 -22.02 3.38
C TYR D 95 8.59 -22.29 3.48
N ILE D 96 8.17 -22.94 4.55
CA ILE D 96 6.75 -23.16 4.83
C ILE D 96 6.13 -21.92 5.44
N SER D 97 6.76 -21.37 6.44
CA SER D 97 6.23 -20.22 7.15
C SER D 97 7.39 -19.75 8.03
N TYR D 98 7.14 -18.76 8.88
CA TYR D 98 8.24 -18.12 9.60
C TYR D 98 8.96 -19.17 10.46
N LYS D 99 10.30 -19.27 10.28
CA LYS D 99 11.16 -20.23 10.97
C LYS D 99 10.68 -21.68 10.84
N LYS D 100 10.11 -22.03 9.69
CA LYS D 100 9.59 -23.37 9.45
C LYS D 100 9.89 -23.78 8.02
N TYR D 101 10.70 -24.85 7.87
CA TYR D 101 11.20 -25.27 6.57
C TYR D 101 11.03 -26.77 6.39
N THR D 102 11.16 -27.18 5.13
CA THR D 102 11.28 -28.57 4.77
C THR D 102 12.51 -28.73 3.89
N LEU D 103 13.05 -29.95 3.89
CA LEU D 103 14.17 -30.30 3.04
C LEU D 103 13.95 -31.62 2.31
N GLU D 104 14.29 -31.61 1.04
CA GLU D 104 14.19 -32.78 0.19
C GLU D 104 15.45 -32.85 -0.69
N ILE D 105 15.93 -34.09 -0.94
CA ILE D 105 17.04 -34.35 -1.88
C ILE D 105 16.48 -34.76 -3.24
N ILE D 106 16.92 -34.04 -4.29
CA ILE D 106 16.51 -34.31 -5.66
C ILE D 106 17.63 -35.06 -6.37
N LEU D 107 17.40 -36.34 -6.64
CA LEU D 107 18.44 -37.13 -7.28
C LEU D 107 18.42 -36.90 -8.78
N LEU D 108 19.52 -37.32 -9.42
CA LEU D 108 19.64 -37.28 -10.88
C LEU D 108 18.52 -38.06 -11.55
N ALA D 109 18.15 -39.19 -10.99
CA ALA D 109 17.08 -39.98 -11.56
C ALA D 109 15.72 -39.34 -11.39
N ASP D 110 15.58 -38.32 -10.53
CA ASP D 110 14.25 -37.78 -10.23
C ASP D 110 13.73 -37.04 -11.47
N THR D 111 12.44 -37.17 -11.71
CA THR D 111 11.85 -36.56 -12.90
C THR D 111 11.86 -35.04 -12.83
N ARG D 112 12.08 -34.46 -11.64
CA ARG D 112 12.20 -33.02 -11.51
C ARG D 112 13.61 -32.53 -11.80
N TYR D 113 14.59 -33.43 -11.87
CA TYR D 113 15.97 -33.00 -11.82
C TYR D 113 16.32 -32.09 -13.00
N ASN D 114 16.01 -32.53 -14.23
CA ASN D 114 16.54 -31.79 -15.37
C ASN D 114 15.98 -30.37 -15.43
N VAL D 115 14.72 -30.17 -15.03
CA VAL D 115 14.19 -28.80 -15.06
C VAL D 115 14.79 -27.96 -13.93
N LEU D 116 14.80 -28.49 -12.70
CA LEU D 116 15.40 -27.73 -11.59
C LEU D 116 16.87 -27.40 -11.86
N ASN D 117 17.62 -28.36 -12.40
CA ASN D 117 19.03 -28.11 -12.72
C ASN D 117 19.17 -27.06 -13.81
N GLY D 118 18.26 -27.11 -14.75
CA GLY D 118 18.18 -26.15 -15.82
C GLY D 118 17.97 -24.77 -15.29
N LEU D 119 17.08 -24.62 -14.36
CA LEU D 119 16.81 -23.34 -13.76
C LEU D 119 18.01 -22.75 -13.12
N ILE D 120 18.74 -23.56 -12.39
CA ILE D 120 19.92 -23.14 -11.72
C ILE D 120 21.04 -22.66 -12.66
N ASN D 121 21.02 -23.09 -13.91
CA ASN D 121 22.11 -22.84 -14.86
C ASN D 121 21.88 -21.61 -15.73
#